data_6X1L
#
_entry.id   6X1L
#
_cell.length_a   104.202
_cell.length_b   104.202
_cell.length_c   194.534
_cell.angle_alpha   90.000
_cell.angle_beta   90.000
_cell.angle_gamma   120.000
#
_symmetry.space_group_name_H-M   'H 3 2'
#
loop_
_entity.id
_entity.type
_entity.pdbx_description
1 polymer 'WbbZ protein'
2 water water
#
_entity_poly.entity_id   1
_entity_poly.type   'polypeptide(L)'
_entity_poly.pdbx_seq_one_letter_code
;SNA(MSE)TN(MSE)KLKFDLLLKSYHLSHRFVYKANPGNAGDGVIASATYDFFERNALTYIPYRDGERYSSETDILIFG
GGGNLIEGLYSEGHDFIQNNIGKFHKVII(MSE)PSTIRGYSDLFINNIDKFVVFCRENITFDYIKSLNYEPNKNVFITD
D(MSE)AFYLDLNKYLSLKPVYKKQANCFRTDSESLTGDYKENNHDISLTWNGDYWDNEFLARNSTRC(MSE)INFLEEY
KVVNTDRLHVAILASLLGKEVNFYPNSYYKNEAVYNYSLFNRYPKTCFITAS
;
_entity_poly.pdbx_strand_id   A
#
# COMPACT_ATOMS: atom_id res chain seq x y z
N THR A 5 -6.32 6.91 15.19
CA THR A 5 -6.89 5.60 15.42
C THR A 5 -5.94 4.72 16.21
N ASN A 6 -6.50 3.72 16.89
CA ASN A 6 -5.70 2.84 17.74
C ASN A 6 -4.69 2.04 16.92
N LYS A 8 -3.39 3.03 14.12
CA LYS A 8 -2.40 3.98 13.61
C LYS A 8 -1.34 4.30 14.65
N LEU A 9 -1.76 4.60 15.89
CA LEU A 9 -0.80 4.85 16.96
C LEU A 9 0.07 3.63 17.21
N LYS A 10 -0.55 2.44 17.26
CA LYS A 10 0.22 1.21 17.41
C LYS A 10 1.29 1.09 16.32
N PHE A 11 0.92 1.46 15.09
CA PHE A 11 1.84 1.33 13.96
C PHE A 11 3.07 2.22 14.13
N ASP A 12 2.86 3.48 14.53
CA ASP A 12 3.97 4.40 14.72
C ASP A 12 4.95 3.87 15.77
N LEU A 13 4.43 3.59 16.97
CA LEU A 13 5.30 3.13 18.06
C LEU A 13 6.03 1.85 17.68
N LEU A 14 5.36 0.95 16.98
CA LEU A 14 5.97 -0.33 16.63
C LEU A 14 7.15 -0.14 15.69
N LEU A 15 6.98 0.63 14.61
CA LEU A 15 8.11 0.82 13.70
C LEU A 15 9.22 1.63 14.36
N LYS A 16 8.88 2.60 15.21
CA LYS A 16 9.90 3.30 15.97
C LYS A 16 10.65 2.36 16.90
N SER A 17 9.96 1.34 17.44
CA SER A 17 10.62 0.37 18.30
C SER A 17 11.64 -0.45 17.52
N TYR A 18 11.28 -0.88 16.31
CA TYR A 18 12.23 -1.61 15.47
C TYR A 18 13.41 -0.74 15.07
N HIS A 19 13.18 0.56 14.91
CA HIS A 19 14.24 1.45 14.44
C HIS A 19 15.33 1.63 15.48
N LEU A 20 14.98 1.49 16.77
CA LEU A 20 16.02 1.56 17.80
C LEU A 20 16.98 0.39 17.71
N SER A 21 16.51 -0.77 17.27
CA SER A 21 17.30 -2.00 17.32
C SER A 21 18.04 -2.28 16.01
N HIS A 22 17.42 -1.98 14.87
CA HIS A 22 17.98 -2.31 13.58
C HIS A 22 17.83 -1.13 12.63
N ARG A 23 18.64 -1.11 11.59
CA ARG A 23 18.51 -0.09 10.57
C ARG A 23 17.63 -0.60 9.44
N PHE A 24 16.89 0.32 8.82
CA PHE A 24 15.89 -0.02 7.82
C PHE A 24 16.51 -0.01 6.44
N VAL A 25 16.33 -1.10 5.70
CA VAL A 25 16.63 -1.17 4.27
C VAL A 25 15.30 -1.27 3.54
N TYR A 26 14.95 -0.24 2.78
CA TYR A 26 13.60 -0.10 2.25
C TYR A 26 13.57 -0.38 0.76
N LYS A 27 12.63 -1.23 0.34
CA LYS A 27 12.34 -1.49 -1.06
C LYS A 27 10.89 -1.12 -1.32
N ALA A 28 10.69 -0.07 -2.12
CA ALA A 28 9.34 0.32 -2.50
C ALA A 28 8.73 -0.73 -3.42
N ASN A 29 7.44 -0.97 -3.22
CA ASN A 29 6.72 -1.90 -4.08
C ASN A 29 6.64 -1.33 -5.50
N PRO A 30 7.04 -2.08 -6.52
CA PRO A 30 6.82 -1.63 -7.90
C PRO A 30 5.38 -1.83 -8.33
N GLY A 31 4.98 -1.07 -9.34
CA GLY A 31 3.63 -1.20 -9.87
C GLY A 31 3.20 0.10 -10.52
N ASN A 32 1.87 0.28 -10.59
CA ASN A 32 1.30 1.42 -11.28
C ASN A 32 1.31 2.62 -10.35
N ALA A 33 0.62 3.69 -10.76
CA ALA A 33 0.63 4.93 -9.99
C ALA A 33 -0.07 4.80 -8.65
N GLY A 34 -0.97 3.82 -8.51
CA GLY A 34 -1.48 3.48 -7.18
C GLY A 34 -0.36 3.09 -6.23
N ASP A 35 0.61 2.32 -6.72
CA ASP A 35 1.75 1.95 -5.90
C ASP A 35 2.67 3.13 -5.63
N GLY A 36 2.64 4.17 -6.48
CA GLY A 36 3.34 5.39 -6.16
C GLY A 36 2.70 6.15 -5.02
N VAL A 37 1.38 6.04 -4.88
CA VAL A 37 0.69 6.64 -3.74
C VAL A 37 1.10 5.98 -2.44
N ILE A 38 1.23 4.65 -2.43
CA ILE A 38 1.68 3.94 -1.23
C ILE A 38 3.07 4.41 -0.84
N ALA A 39 3.95 4.59 -1.83
CA ALA A 39 5.31 5.00 -1.54
C ALA A 39 5.34 6.43 -1.01
N SER A 40 4.61 7.35 -1.66
CA SER A 40 4.52 8.72 -1.17
C SER A 40 4.12 8.75 0.29
N ALA A 41 3.05 8.04 0.63
CA ALA A 41 2.58 7.99 2.02
C ALA A 41 3.59 7.33 2.94
N THR A 42 4.34 6.34 2.44
CA THR A 42 5.37 5.73 3.26
C THR A 42 6.51 6.72 3.52
N TYR A 43 6.87 7.53 2.52
CA TYR A 43 7.90 8.54 2.77
C TYR A 43 7.40 9.59 3.75
N ASP A 44 6.12 9.98 3.64
CA ASP A 44 5.54 10.87 4.64
C ASP A 44 5.58 10.26 6.03
N PHE A 45 5.33 8.94 6.11
CA PHE A 45 5.33 8.25 7.39
C PHE A 45 6.72 8.22 8.00
N PHE A 46 7.75 7.94 7.19
CA PHE A 46 9.11 7.93 7.70
C PHE A 46 9.53 9.31 8.21
N GLU A 47 9.23 10.36 7.45
CA GLU A 47 9.66 11.69 7.84
C GLU A 47 8.94 12.16 9.10
N ARG A 48 7.66 11.82 9.24
CA ARG A 48 6.90 12.30 10.39
C ARG A 48 7.32 11.60 11.68
N ASN A 49 7.85 10.38 11.58
CA ASN A 49 8.29 9.63 12.74
C ASN A 49 9.80 9.61 12.89
N ALA A 50 10.51 10.49 12.18
CA ALA A 50 11.98 10.58 12.25
C ALA A 50 12.65 9.24 11.96
N LEU A 51 12.06 8.44 11.08
CA LEU A 51 12.59 7.12 10.76
C LEU A 51 13.52 7.23 9.55
N THR A 52 14.81 7.08 9.79
CA THR A 52 15.77 7.08 8.70
C THR A 52 15.85 5.68 8.09
N TYR A 53 16.21 5.64 6.81
CA TYR A 53 16.30 4.38 6.08
C TYR A 53 17.40 4.51 5.02
N ILE A 54 17.82 3.36 4.51
CA ILE A 54 18.70 3.33 3.34
C ILE A 54 17.94 2.58 2.25
N PRO A 55 17.96 3.06 1.01
CA PRO A 55 17.24 2.37 -0.06
C PRO A 55 17.93 1.06 -0.42
N TYR A 56 17.14 0.04 -0.70
CA TYR A 56 17.69 -1.24 -1.12
C TYR A 56 18.48 -1.08 -2.41
N ARG A 57 19.72 -1.56 -2.40
CA ARG A 57 20.58 -1.56 -3.57
C ARG A 57 20.97 -3.00 -3.87
N ASP A 58 20.62 -3.47 -5.06
CA ASP A 58 20.95 -4.83 -5.47
C ASP A 58 22.46 -4.97 -5.59
N GLY A 59 23.00 -6.04 -4.98
CA GLY A 59 24.42 -6.28 -4.97
C GLY A 59 25.15 -5.75 -3.76
N GLU A 60 24.51 -4.93 -2.95
CA GLU A 60 25.13 -4.44 -1.72
C GLU A 60 25.01 -5.49 -0.62
N ARG A 61 26.00 -5.51 0.27
CA ARG A 61 26.05 -6.48 1.35
C ARG A 61 25.38 -5.91 2.59
N TYR A 62 24.37 -6.62 3.08
CA TYR A 62 23.66 -6.23 4.29
C TYR A 62 23.93 -7.23 5.40
N SER A 63 23.66 -6.80 6.64
CA SER A 63 23.94 -7.61 7.81
C SER A 63 22.76 -8.52 8.12
N SER A 64 23.02 -9.83 8.17
CA SER A 64 22.00 -10.81 8.51
C SER A 64 21.61 -10.77 9.98
N GLU A 65 22.16 -9.84 10.76
CA GLU A 65 21.86 -9.73 12.18
C GLU A 65 21.29 -8.38 12.59
N THR A 66 21.67 -7.30 11.91
CA THR A 66 21.27 -5.96 12.33
C THR A 66 20.51 -5.17 11.27
N ASP A 67 20.29 -5.73 10.08
CA ASP A 67 19.55 -5.05 9.03
C ASP A 67 18.19 -5.71 8.87
N ILE A 68 17.15 -4.88 8.76
CA ILE A 68 15.78 -5.32 8.52
C ILE A 68 15.34 -4.79 7.16
N LEU A 69 14.82 -5.68 6.32
CA LEU A 69 14.25 -5.27 5.05
C LEU A 69 12.82 -4.81 5.26
N ILE A 70 12.55 -3.55 4.90
CA ILE A 70 11.20 -3.01 4.90
C ILE A 70 10.68 -3.17 3.47
N PHE A 71 9.76 -4.10 3.27
CA PHE A 71 9.17 -4.32 1.95
C PHE A 71 7.90 -3.48 1.84
N GLY A 72 7.87 -2.57 0.87
CA GLY A 72 6.78 -1.62 0.78
C GLY A 72 5.44 -2.29 0.62
N GLY A 73 4.39 -1.62 1.09
CA GLY A 73 3.06 -2.16 1.03
C GLY A 73 2.53 -2.27 -0.38
N GLY A 74 1.43 -2.97 -0.52
CA GLY A 74 0.78 -3.13 -1.81
C GLY A 74 0.05 -4.46 -1.88
N GLY A 75 -0.32 -4.81 -3.10
CA GLY A 75 -1.05 -6.03 -3.36
C GLY A 75 -0.40 -6.88 -4.42
N ASN A 76 0.94 -6.94 -4.41
CA ASN A 76 1.64 -7.73 -5.41
C ASN A 76 1.73 -9.21 -5.03
N LEU A 77 1.69 -9.52 -3.74
CA LEU A 77 1.84 -10.90 -3.26
C LEU A 77 0.52 -11.65 -3.42
N ILE A 78 0.18 -11.94 -4.68
CA ILE A 78 -1.05 -12.65 -5.01
C ILE A 78 -0.69 -13.82 -5.92
N GLU A 79 -0.71 -15.02 -5.35
CA GLU A 79 -0.35 -16.21 -6.11
C GLU A 79 -1.34 -16.46 -7.24
N GLY A 80 -0.82 -16.81 -8.41
CA GLY A 80 -1.63 -16.91 -9.60
C GLY A 80 -1.83 -15.60 -10.34
N LEU A 81 -1.33 -14.48 -9.80
CA LEU A 81 -1.43 -13.19 -10.46
C LEU A 81 -0.06 -12.58 -10.68
N TYR A 82 0.66 -12.21 -9.63
CA TYR A 82 1.97 -11.59 -9.75
C TYR A 82 2.99 -12.40 -8.94
N SER A 83 4.21 -12.47 -9.47
CA SER A 83 5.29 -13.18 -8.82
C SER A 83 6.51 -12.31 -8.54
N GLU A 84 6.47 -11.02 -8.91
CA GLU A 84 7.65 -10.18 -8.75
C GLU A 84 7.99 -9.96 -7.28
N GLY A 85 7.01 -9.58 -6.47
CA GLY A 85 7.25 -9.39 -5.05
C GLY A 85 7.63 -10.67 -4.34
N HIS A 86 7.02 -11.79 -4.75
CA HIS A 86 7.36 -13.08 -4.15
C HIS A 86 8.80 -13.47 -4.45
N ASP A 87 9.26 -13.23 -5.69
CA ASP A 87 10.63 -13.58 -6.04
C ASP A 87 11.62 -12.67 -5.34
N PHE A 88 11.29 -11.39 -5.19
CA PHE A 88 12.21 -10.47 -4.51
C PHE A 88 12.43 -10.88 -3.06
N ILE A 89 11.36 -11.23 -2.36
CA ILE A 89 11.47 -11.57 -0.95
C ILE A 89 12.22 -12.89 -0.79
N GLN A 90 11.89 -13.88 -1.61
CA GLN A 90 12.50 -15.20 -1.45
C GLN A 90 13.98 -15.18 -1.76
N ASN A 91 14.39 -14.37 -2.74
CA ASN A 91 15.80 -14.28 -3.11
C ASN A 91 16.62 -13.42 -2.15
N ASN A 92 15.97 -12.61 -1.32
CA ASN A 92 16.67 -11.68 -0.44
C ASN A 92 16.40 -11.90 1.04
N ILE A 93 15.53 -12.87 1.38
CA ILE A 93 15.16 -13.09 2.78
C ILE A 93 16.37 -13.47 3.63
N GLY A 94 17.36 -14.15 3.03
CA GLY A 94 18.52 -14.60 3.78
C GLY A 94 19.49 -13.49 4.14
N LYS A 95 19.40 -12.34 3.47
CA LYS A 95 20.34 -11.25 3.70
C LYS A 95 20.06 -10.48 4.99
N PHE A 96 18.84 -10.53 5.51
CA PHE A 96 18.42 -9.63 6.57
C PHE A 96 18.04 -10.41 7.83
N HIS A 97 18.03 -9.70 8.95
CA HIS A 97 17.61 -10.28 10.22
C HIS A 97 16.10 -10.55 10.23
N LYS A 98 15.32 -9.60 9.73
CA LYS A 98 13.87 -9.72 9.62
C LYS A 98 13.43 -9.11 8.30
N VAL A 99 12.24 -9.50 7.86
CA VAL A 99 11.58 -8.86 6.72
C VAL A 99 10.24 -8.35 7.21
N ILE A 100 10.06 -7.03 7.17
CA ILE A 100 8.82 -6.40 7.57
C ILE A 100 8.03 -6.09 6.31
N ILE A 101 6.85 -6.69 6.19
CA ILE A 101 5.96 -6.45 5.06
C ILE A 101 4.99 -5.34 5.47
N PRO A 103 1.81 -2.63 5.28
CA PRO A 103 0.41 -3.04 5.11
C PRO A 103 0.04 -3.51 3.71
N SER A 104 -0.30 -4.79 3.59
CA SER A 104 -0.41 -5.42 2.28
C SER A 104 -1.64 -6.31 2.19
N THR A 105 -2.03 -6.59 0.95
CA THR A 105 -3.03 -7.60 0.63
C THR A 105 -2.29 -8.81 0.07
N ILE A 106 -2.47 -9.96 0.71
CA ILE A 106 -1.74 -11.18 0.38
C ILE A 106 -2.76 -12.28 0.08
N ARG A 107 -2.52 -13.02 -1.00
CA ARG A 107 -3.38 -14.13 -1.39
C ARG A 107 -2.48 -15.30 -1.76
N GLY A 108 -2.68 -16.44 -1.09
CA GLY A 108 -1.89 -17.60 -1.44
C GLY A 108 -0.45 -17.46 -0.96
N TYR A 109 0.45 -18.10 -1.71
CA TYR A 109 1.86 -18.19 -1.32
C TYR A 109 2.01 -18.72 0.10
N SER A 110 1.22 -19.74 0.42
CA SER A 110 1.25 -20.29 1.78
C SER A 110 2.60 -20.92 2.11
N ASP A 111 3.28 -21.50 1.12
CA ASP A 111 4.59 -22.07 1.35
C ASP A 111 5.61 -21.01 1.77
N LEU A 112 5.50 -19.80 1.22
CA LEU A 112 6.45 -18.75 1.57
C LEU A 112 6.31 -18.33 3.04
N PHE A 113 5.08 -18.20 3.53
CA PHE A 113 4.88 -17.66 4.86
C PHE A 113 5.00 -18.72 5.95
N ILE A 114 4.70 -19.98 5.63
CA ILE A 114 4.89 -21.04 6.63
C ILE A 114 6.38 -21.29 6.86
N ASN A 115 7.17 -21.32 5.79
CA ASN A 115 8.58 -21.68 5.91
C ASN A 115 9.46 -20.51 6.32
N ASN A 116 8.93 -19.28 6.41
CA ASN A 116 9.72 -18.13 6.83
C ASN A 116 9.06 -17.43 8.02
N ILE A 117 8.30 -18.18 8.82
CA ILE A 117 7.55 -17.57 9.92
C ILE A 117 8.47 -16.92 10.94
N ASP A 118 9.71 -17.39 11.07
CA ASP A 118 10.62 -16.84 12.06
C ASP A 118 11.29 -15.55 11.61
N LYS A 119 11.15 -15.15 10.35
CA LYS A 119 11.75 -13.91 9.89
C LYS A 119 10.73 -12.87 9.44
N PHE A 120 9.48 -13.25 9.19
CA PHE A 120 8.46 -12.35 8.67
C PHE A 120 7.76 -11.60 9.80
N VAL A 121 7.57 -10.30 9.59
CA VAL A 121 6.64 -9.50 10.36
C VAL A 121 5.67 -8.91 9.35
N VAL A 122 4.40 -9.34 9.40
CA VAL A 122 3.45 -9.09 8.33
C VAL A 122 2.42 -8.09 8.81
N PHE A 123 2.29 -6.98 8.08
CA PHE A 123 1.22 -6.02 8.31
C PHE A 123 0.17 -6.20 7.22
N CYS A 124 -1.07 -6.39 7.64
CA CYS A 124 -2.20 -6.66 6.74
C CYS A 124 -3.11 -5.44 6.68
N ARG A 125 -3.52 -5.08 5.48
CA ARG A 125 -4.33 -3.88 5.29
C ARG A 125 -5.83 -4.18 5.22
N GLU A 126 -6.24 -5.43 5.44
CA GLU A 126 -7.66 -5.75 5.57
C GLU A 126 -7.81 -7.08 6.31
N ASN A 127 -9.06 -7.43 6.60
CA ASN A 127 -9.37 -8.55 7.49
C ASN A 127 -9.15 -9.91 6.82
N ILE A 128 -9.26 -9.98 5.50
CA ILE A 128 -9.08 -11.26 4.82
C ILE A 128 -7.62 -11.69 4.86
N THR A 129 -6.71 -10.75 4.60
CA THR A 129 -5.29 -11.06 4.71
C THR A 129 -4.91 -11.36 6.15
N PHE A 130 -5.46 -10.60 7.11
CA PHE A 130 -5.13 -10.79 8.50
C PHE A 130 -5.54 -12.17 8.99
N ASP A 131 -6.77 -12.59 8.67
CA ASP A 131 -7.22 -13.92 9.08
C ASP A 131 -6.47 -15.02 8.36
N TYR A 132 -6.05 -14.77 7.12
CA TYR A 132 -5.27 -15.77 6.39
C TYR A 132 -3.91 -15.98 7.05
N ILE A 133 -3.15 -14.90 7.25
CA ILE A 133 -1.81 -15.04 7.83
C ILE A 133 -1.88 -15.63 9.23
N LYS A 134 -2.81 -15.15 10.05
CA LYS A 134 -2.93 -15.70 11.40
C LYS A 134 -3.38 -17.16 11.37
N SER A 135 -4.05 -17.61 10.30
CA SER A 135 -4.41 -19.01 10.20
C SER A 135 -3.19 -19.88 9.92
N LEU A 136 -2.12 -19.29 9.38
CA LEU A 136 -0.85 -19.97 9.15
C LEU A 136 0.00 -20.01 10.42
N ASN A 137 -0.63 -19.88 11.59
CA ASN A 137 -0.02 -19.94 12.91
C ASN A 137 0.83 -18.71 13.22
N TYR A 138 0.66 -17.61 12.48
CA TYR A 138 1.27 -16.36 12.89
C TYR A 138 0.56 -15.82 14.13
N GLU A 139 1.33 -15.13 14.98
CA GLU A 139 0.82 -14.73 16.28
C GLU A 139 0.41 -13.26 16.25
N PRO A 140 -0.87 -12.93 16.39
CA PRO A 140 -1.29 -11.54 16.35
C PRO A 140 -0.58 -10.70 17.39
N ASN A 141 -0.20 -9.48 17.00
CA ASN A 141 0.52 -8.50 17.81
C ASN A 141 1.96 -8.91 18.11
N LYS A 142 2.49 -9.93 17.42
CA LYS A 142 3.91 -10.27 17.54
C LYS A 142 4.57 -10.29 16.16
N ASN A 143 4.04 -11.09 15.23
CA ASN A 143 4.57 -11.12 13.88
C ASN A 143 3.49 -10.99 12.81
N VAL A 144 2.25 -10.72 13.20
CA VAL A 144 1.21 -10.34 12.24
C VAL A 144 0.35 -9.26 12.88
N PHE A 145 0.05 -8.21 12.10
CA PHE A 145 -0.71 -7.06 12.55
C PHE A 145 -1.67 -6.64 11.45
N ILE A 146 -2.69 -5.88 11.83
CA ILE A 146 -3.66 -5.34 10.88
C ILE A 146 -3.74 -3.83 11.08
N THR A 147 -3.74 -3.10 9.97
CA THR A 147 -3.83 -1.64 10.03
C THR A 147 -4.16 -1.15 8.62
N ASP A 148 -4.46 0.14 8.52
CA ASP A 148 -4.87 0.71 7.24
C ASP A 148 -3.74 0.68 6.23
N ASP A 149 -4.11 0.56 4.95
CA ASP A 149 -3.18 0.81 3.85
C ASP A 149 -2.41 2.10 4.10
N ALA A 151 -1.62 4.53 2.31
CA ALA A 151 -2.13 5.77 1.69
C ALA A 151 -3.00 6.58 2.63
N PHE A 152 -3.59 5.95 3.66
CA PHE A 152 -4.31 6.77 4.62
C PHE A 152 -3.38 7.64 5.46
N TYR A 153 -2.08 7.36 5.44
CA TYR A 153 -1.08 8.20 6.09
C TYR A 153 -0.63 9.37 5.22
N LEU A 154 -1.20 9.54 4.03
CA LEU A 154 -0.73 10.59 3.12
C LEU A 154 -0.93 11.97 3.73
N ASP A 155 0.14 12.76 3.75
CA ASP A 155 0.09 14.14 4.23
C ASP A 155 -0.55 15.01 3.14
N LEU A 156 -1.88 14.94 3.09
CA LEU A 156 -2.63 15.33 1.91
C LEU A 156 -2.42 16.79 1.51
N ASN A 157 -2.22 17.69 2.48
CA ASN A 157 -2.26 19.11 2.16
C ASN A 157 -1.08 19.58 1.33
N LYS A 158 0.02 18.82 1.30
CA LYS A 158 1.14 19.22 0.47
C LYS A 158 1.04 18.70 -0.95
N TYR A 159 0.00 17.93 -1.27
CA TYR A 159 -0.25 17.45 -2.62
C TYR A 159 -1.35 18.21 -3.34
N LEU A 160 -2.16 18.99 -2.61
CA LEU A 160 -3.36 19.59 -3.18
C LEU A 160 -3.01 20.77 -4.08
N SER A 161 -3.77 20.91 -5.15
CA SER A 161 -3.70 22.11 -5.98
C SER A 161 -4.74 23.15 -5.59
N LEU A 162 -5.79 22.74 -4.89
CA LEU A 162 -6.90 23.61 -4.49
C LEU A 162 -7.61 24.22 -5.69
N LYS A 163 -7.54 23.55 -6.84
CA LYS A 163 -8.29 23.99 -8.00
C LYS A 163 -9.77 23.65 -7.82
N PRO A 164 -10.67 24.55 -8.21
CA PRO A 164 -12.09 24.35 -7.91
C PRO A 164 -12.69 23.18 -8.68
N VAL A 165 -13.79 22.66 -8.14
CA VAL A 165 -14.56 21.62 -8.79
C VAL A 165 -15.39 22.26 -9.90
N TYR A 166 -15.34 21.67 -11.10
CA TYR A 166 -16.20 22.15 -12.17
C TYR A 166 -16.67 21.05 -13.11
N LYS A 167 -16.35 19.79 -12.85
CA LYS A 167 -16.77 18.68 -13.70
C LYS A 167 -17.56 17.66 -12.88
N LYS A 168 -18.53 17.02 -13.52
CA LYS A 168 -19.47 16.15 -12.82
C LYS A 168 -18.84 14.81 -12.44
N GLN A 169 -18.67 13.92 -13.42
CA GLN A 169 -18.27 12.54 -13.17
C GLN A 169 -16.94 12.22 -13.83
N ALA A 170 -16.08 11.53 -13.09
CA ALA A 170 -14.83 10.98 -13.61
C ALA A 170 -14.91 9.46 -13.59
N ASN A 171 -14.59 8.84 -14.72
CA ASN A 171 -14.54 7.39 -14.85
C ASN A 171 -13.07 6.97 -14.87
N CYS A 172 -12.66 6.15 -13.91
CA CYS A 172 -11.27 5.70 -13.78
C CYS A 172 -11.27 4.17 -13.63
N PHE A 173 -11.47 3.47 -14.73
CA PHE A 173 -11.61 2.02 -14.72
C PHE A 173 -10.43 1.35 -15.41
N ARG A 174 -10.14 0.13 -14.95
CA ARG A 174 -9.05 -0.68 -15.48
C ARG A 174 -9.27 -0.95 -16.97
N THR A 175 -8.24 -0.65 -17.77
CA THR A 175 -8.39 -0.66 -19.23
C THR A 175 -8.63 -2.06 -19.78
N ASP A 176 -8.19 -3.09 -19.06
CA ASP A 176 -8.30 -4.48 -19.52
C ASP A 176 -9.76 -4.87 -19.75
N SER A 177 -10.55 -4.93 -18.69
CA SER A 177 -11.97 -5.26 -18.80
C SER A 177 -12.75 -4.76 -17.60
N GLU A 186 -16.91 4.72 -21.19
CA GLU A 186 -17.24 6.03 -21.74
C GLU A 186 -16.00 6.91 -21.80
N ASN A 187 -16.04 8.04 -21.09
CA ASN A 187 -14.88 8.92 -20.97
C ASN A 187 -14.00 8.38 -19.84
N ASN A 188 -13.28 7.31 -20.15
CA ASN A 188 -12.48 6.61 -19.14
C ASN A 188 -11.06 7.17 -19.09
N HIS A 189 -10.58 7.44 -17.88
CA HIS A 189 -9.21 7.89 -17.64
C HIS A 189 -8.60 6.94 -16.61
N ASP A 190 -7.84 5.96 -17.08
CA ASP A 190 -7.17 5.01 -16.17
C ASP A 190 -5.87 5.65 -15.67
N ILE A 191 -6.04 6.60 -14.74
CA ILE A 191 -4.91 7.38 -14.27
C ILE A 191 -3.92 6.56 -13.46
N SER A 192 -4.31 5.36 -13.03
CA SER A 192 -3.37 4.46 -12.38
C SER A 192 -2.29 3.99 -13.35
N LEU A 193 -2.63 3.81 -14.63
CA LEU A 193 -1.70 3.29 -15.61
C LEU A 193 -0.83 4.37 -16.26
N THR A 194 -0.64 5.50 -15.59
CA THR A 194 0.21 6.55 -16.12
C THR A 194 1.68 6.18 -15.98
N TRP A 195 2.20 6.25 -14.76
CA TRP A 195 3.53 5.73 -14.46
C TRP A 195 3.36 4.31 -13.93
N ASN A 196 4.08 3.36 -14.54
CA ASN A 196 3.86 1.94 -14.24
C ASN A 196 5.18 1.21 -14.35
N GLY A 197 5.78 0.86 -13.21
CA GLY A 197 7.06 0.16 -13.22
C GLY A 197 7.73 0.30 -11.86
N ASP A 198 9.03 -0.02 -11.85
CA ASP A 198 9.83 0.02 -10.63
C ASP A 198 10.44 1.42 -10.45
N TYR A 199 9.56 2.39 -10.25
CA TYR A 199 9.97 3.78 -10.15
C TYR A 199 9.97 4.32 -8.73
N TRP A 200 9.29 3.66 -7.80
CA TRP A 200 8.82 4.33 -6.60
C TRP A 200 9.86 4.41 -5.49
N ASP A 201 11.10 3.96 -5.74
CA ASP A 201 12.19 4.24 -4.81
C ASP A 201 12.69 5.68 -4.89
N ASN A 202 12.19 6.46 -5.86
CA ASN A 202 12.48 7.89 -5.96
C ASN A 202 11.32 8.62 -5.31
N GLU A 203 11.57 9.26 -4.16
CA GLU A 203 10.50 9.89 -3.41
C GLU A 203 9.92 11.10 -4.14
N PHE A 204 10.72 11.80 -4.94
CA PHE A 204 10.19 12.92 -5.69
C PHE A 204 9.25 12.44 -6.79
N LEU A 205 9.68 11.44 -7.55
CA LEU A 205 8.82 10.87 -8.59
C LEU A 205 7.54 10.30 -8.00
N ALA A 206 7.62 9.64 -6.84
CA ALA A 206 6.40 9.11 -6.22
C ALA A 206 5.47 10.24 -5.82
N ARG A 207 6.00 11.28 -5.18
CA ARG A 207 5.12 12.35 -4.71
C ARG A 207 4.53 13.15 -5.86
N ASN A 208 5.32 13.39 -6.91
CA ASN A 208 4.80 14.19 -8.02
C ASN A 208 3.83 13.40 -8.88
N SER A 209 4.06 12.09 -9.06
CA SER A 209 3.04 11.26 -9.69
C SER A 209 1.75 11.28 -8.88
N THR A 210 1.86 11.27 -7.55
CA THR A 210 0.67 11.31 -6.72
C THR A 210 -0.02 12.66 -6.81
N ARG A 211 0.75 13.74 -6.94
CA ARG A 211 0.16 15.05 -7.19
C ARG A 211 -0.66 15.04 -8.48
N CYS A 212 -0.12 14.43 -9.54
CA CYS A 212 -0.85 14.33 -10.80
C CYS A 212 -2.21 13.70 -10.61
N ILE A 214 -3.95 13.30 -7.91
CA ILE A 214 -4.77 14.16 -7.07
C ILE A 214 -5.25 15.39 -7.84
N ASN A 215 -4.35 16.03 -8.61
CA ASN A 215 -4.76 17.17 -9.43
C ASN A 215 -5.92 16.81 -10.33
N PHE A 216 -5.86 15.62 -10.95
CA PHE A 216 -6.94 15.19 -11.84
C PHE A 216 -8.25 15.08 -11.08
N LEU A 217 -8.22 14.43 -9.91
CA LEU A 217 -9.45 14.13 -9.19
C LEU A 217 -10.05 15.36 -8.54
N GLU A 218 -9.22 16.33 -8.13
CA GLU A 218 -9.72 17.50 -7.41
C GLU A 218 -10.83 18.22 -8.15
N GLU A 219 -10.81 18.21 -9.48
CA GLU A 219 -11.72 19.01 -10.29
C GLU A 219 -13.06 18.32 -10.54
N TYR A 220 -13.26 17.11 -10.01
CA TYR A 220 -14.50 16.37 -10.20
C TYR A 220 -15.30 16.31 -8.90
N LYS A 221 -16.62 16.20 -9.05
CA LYS A 221 -17.50 16.00 -7.91
C LYS A 221 -17.75 14.53 -7.60
N VAL A 222 -17.84 13.69 -8.62
CA VAL A 222 -18.11 12.27 -8.48
C VAL A 222 -17.01 11.48 -9.18
N VAL A 223 -16.55 10.40 -8.54
CA VAL A 223 -15.52 9.53 -9.08
C VAL A 223 -16.04 8.10 -9.10
N ASN A 224 -15.99 7.47 -10.27
CA ASN A 224 -16.37 6.07 -10.44
C ASN A 224 -15.12 5.27 -10.76
N THR A 225 -14.83 4.24 -9.98
CA THR A 225 -13.57 3.53 -10.19
C THR A 225 -13.63 2.10 -9.66
N ASP A 226 -12.80 1.25 -10.25
CA ASP A 226 -12.45 -0.06 -9.71
C ASP A 226 -10.97 -0.11 -9.34
N ARG A 227 -10.33 1.05 -9.19
CA ARG A 227 -8.92 1.17 -8.86
C ARG A 227 -8.80 1.59 -7.41
N LEU A 228 -8.19 0.73 -6.59
CA LEU A 228 -8.21 0.92 -5.14
C LEU A 228 -7.72 2.31 -4.74
N HIS A 229 -6.55 2.71 -5.23
CA HIS A 229 -5.97 3.94 -4.72
C HIS A 229 -6.54 5.19 -5.39
N VAL A 230 -7.21 5.05 -6.53
CA VAL A 230 -8.10 6.12 -6.98
C VAL A 230 -9.23 6.30 -5.97
N ALA A 231 -9.86 5.19 -5.57
CA ALA A 231 -10.93 5.28 -4.58
C ALA A 231 -10.43 5.86 -3.26
N ILE A 232 -9.24 5.45 -2.83
CA ILE A 232 -8.69 5.97 -1.58
C ILE A 232 -8.41 7.46 -1.70
N LEU A 233 -7.74 7.88 -2.78
CA LEU A 233 -7.43 9.30 -2.98
C LEU A 233 -8.70 10.14 -3.01
N ALA A 234 -9.68 9.72 -3.80
CA ALA A 234 -10.94 10.45 -3.86
C ALA A 234 -11.65 10.48 -2.50
N SER A 235 -11.52 9.40 -1.72
CA SER A 235 -12.11 9.38 -0.38
C SER A 235 -11.41 10.38 0.53
N LEU A 236 -10.08 10.45 0.47
CA LEU A 236 -9.35 11.48 1.22
C LEU A 236 -9.79 12.87 0.80
N LEU A 237 -10.12 13.07 -0.48
CA LEU A 237 -10.56 14.36 -0.98
C LEU A 237 -12.01 14.68 -0.60
N GLY A 238 -12.70 13.77 0.07
CA GLY A 238 -14.09 14.01 0.41
C GLY A 238 -15.04 13.94 -0.76
N LYS A 239 -14.64 13.27 -1.84
CA LYS A 239 -15.48 13.19 -3.03
C LYS A 239 -16.58 12.15 -2.84
N GLU A 240 -17.59 12.24 -3.70
CA GLU A 240 -18.59 11.19 -3.85
C GLU A 240 -17.98 10.09 -4.72
N VAL A 241 -17.82 8.89 -4.15
CA VAL A 241 -17.03 7.84 -4.76
C VAL A 241 -17.88 6.59 -4.94
N ASN A 242 -17.89 6.05 -6.15
CA ASN A 242 -18.58 4.80 -6.48
C ASN A 242 -17.51 3.77 -6.81
N PHE A 243 -17.25 2.88 -5.86
CA PHE A 243 -16.14 1.93 -5.91
C PHE A 243 -16.66 0.57 -6.37
N TYR A 244 -15.98 -0.01 -7.37
CA TYR A 244 -16.42 -1.27 -7.96
C TYR A 244 -15.44 -2.40 -7.66
N PRO A 245 -15.91 -3.65 -7.62
CA PRO A 245 -15.05 -4.75 -7.18
C PRO A 245 -14.12 -5.26 -8.29
N ASN A 246 -13.19 -6.12 -7.88
CA ASN A 246 -12.35 -6.91 -8.76
C ASN A 246 -12.16 -8.28 -8.12
N SER A 247 -11.19 -9.04 -8.60
CA SER A 247 -11.04 -10.42 -8.18
C SER A 247 -10.28 -10.50 -6.85
N TYR A 248 -10.29 -11.71 -6.27
CA TYR A 248 -9.58 -12.00 -5.02
C TYR A 248 -10.02 -11.10 -3.87
N TYR A 249 -11.22 -10.52 -3.97
CA TYR A 249 -11.77 -9.64 -2.94
C TYR A 249 -10.81 -8.51 -2.57
N LYS A 250 -10.01 -8.06 -3.55
CA LYS A 250 -8.98 -7.08 -3.27
C LYS A 250 -9.58 -5.73 -2.91
N ASN A 251 -10.47 -5.22 -3.76
CA ASN A 251 -11.12 -3.94 -3.47
C ASN A 251 -12.08 -4.06 -2.29
N GLU A 252 -12.93 -5.10 -2.31
CA GLU A 252 -13.99 -5.20 -1.29
C GLU A 252 -13.41 -5.31 0.11
N ALA A 253 -12.30 -6.02 0.28
CA ALA A 253 -11.75 -6.21 1.63
C ALA A 253 -11.18 -4.91 2.19
N VAL A 254 -10.53 -4.11 1.36
CA VAL A 254 -10.00 -2.84 1.84
C VAL A 254 -11.16 -1.88 2.15
N TYR A 255 -12.22 -1.93 1.33
CA TYR A 255 -13.38 -1.08 1.57
C TYR A 255 -14.02 -1.39 2.92
N ASN A 256 -14.24 -2.68 3.21
CA ASN A 256 -14.90 -3.05 4.45
C ASN A 256 -14.09 -2.67 5.67
N TYR A 257 -12.76 -2.71 5.57
CA TYR A 257 -11.92 -2.41 6.73
C TYR A 257 -11.66 -0.92 6.92
N SER A 258 -11.48 -0.17 5.83
CA SER A 258 -10.96 1.19 5.91
C SER A 258 -11.91 2.27 5.41
N LEU A 259 -12.77 1.98 4.45
CA LEU A 259 -13.61 3.01 3.84
C LEU A 259 -15.03 3.01 4.36
N PHE A 260 -15.55 1.86 4.77
CA PHE A 260 -16.90 1.78 5.33
C PHE A 260 -17.04 2.66 6.56
N ASN A 261 -18.10 3.47 6.58
CA ASN A 261 -18.45 4.32 7.71
C ASN A 261 -17.46 5.46 7.95
N ARG A 262 -16.15 5.18 7.82
CA ARG A 262 -15.15 6.22 8.02
C ARG A 262 -15.24 7.29 6.94
N TYR A 263 -15.70 6.92 5.75
CA TYR A 263 -15.87 7.84 4.62
C TYR A 263 -17.26 7.62 4.06
N PRO A 264 -18.27 8.31 4.61
CA PRO A 264 -19.67 7.97 4.27
C PRO A 264 -20.06 8.31 2.85
N LYS A 265 -19.29 9.14 2.14
CA LYS A 265 -19.59 9.49 0.76
C LYS A 265 -18.99 8.50 -0.23
N THR A 266 -18.30 7.47 0.24
CA THR A 266 -17.77 6.40 -0.60
C THR A 266 -18.61 5.15 -0.38
N CYS A 267 -19.21 4.64 -1.44
CA CYS A 267 -19.99 3.41 -1.36
C CYS A 267 -19.46 2.39 -2.36
N PHE A 268 -19.69 1.12 -2.04
CA PHE A 268 -19.19 -0.02 -2.80
C PHE A 268 -20.35 -0.64 -3.56
N ILE A 269 -20.22 -0.74 -4.88
CA ILE A 269 -21.28 -1.25 -5.75
C ILE A 269 -20.99 -2.72 -6.02
N THR A 270 -21.80 -3.60 -5.43
CA THR A 270 -21.61 -5.03 -5.60
C THR A 270 -22.18 -5.51 -6.93
N ALA A 271 -23.35 -5.00 -7.30
CA ALA A 271 -23.97 -5.37 -8.58
C ALA A 271 -24.99 -4.30 -8.98
#